data_3RP2
#
_entry.id   3RP2
#
_cell.length_a   78.200
_cell.length_b   78.200
_cell.length_c   96.800
_cell.angle_alpha   90.00
_cell.angle_beta   90.00
_cell.angle_gamma   120.00
#
_symmetry.space_group_name_H-M   'P 31'
#
loop_
_entity.id
_entity.type
_entity.pdbx_description
1 polymer 'RAT MAST CELL PROTEASE II'
2 water water
#
_entity_poly.entity_id   1
_entity_poly.type   'polypeptide(L)'
_entity_poly.pdbx_seq_one_letter_code
;IIGGVESIPHSRPYMAHLDIVTEKGLRVICGGFLISRQFVLTAAHCKGREITVILGAHDVRKRESTQQKIKVEKQIIHES
YNSVPNLHDIMLLKLEKKVELTPAVNVVPLPSPSDFIHPGAMCWAAGWGKTGVRDPTSYTLREVELRIMDEKACVDYRYY
EYKFQVCVGSPTTLRAAFMGDSGGPLLCAGVAHGIVSYGHPDAKPPAIFTRVSTYVPWINAVIN
;
_entity_poly.pdbx_strand_id   A,B
#
# COMPACT_ATOMS: atom_id res chain seq x y z
N ILE A 1 4.55 8.76 -11.96
CA ILE A 1 4.92 9.80 -12.97
C ILE A 1 4.72 11.20 -12.43
N ILE A 2 5.79 11.97 -12.56
CA ILE A 2 5.82 13.37 -12.16
C ILE A 2 5.82 14.25 -13.39
N GLY A 3 4.84 15.12 -13.51
CA GLY A 3 4.83 16.11 -14.59
C GLY A 3 4.23 15.55 -15.84
N GLY A 4 3.47 14.52 -15.70
CA GLY A 4 2.81 13.99 -16.89
C GLY A 4 1.33 14.23 -16.88
N VAL A 5 0.60 13.42 -17.65
CA VAL A 5 -0.87 13.52 -17.77
C VAL A 5 -1.49 12.14 -17.63
N GLU A 6 -2.83 12.03 -17.43
CA GLU A 6 -3.50 10.71 -17.58
C GLU A 6 -3.26 10.22 -18.98
N SER A 7 -3.09 8.95 -19.17
CA SER A 7 -3.17 8.41 -20.49
C SER A 7 -4.62 8.43 -20.97
N ILE A 8 -4.81 8.33 -22.28
CA ILE A 8 -6.09 7.95 -22.82
C ILE A 8 -6.31 6.49 -22.46
N PRO A 9 -7.47 6.15 -21.85
CA PRO A 9 -7.78 4.80 -21.31
C PRO A 9 -7.64 3.68 -22.32
N HIS A 10 -6.86 2.68 -21.90
CA HIS A 10 -6.59 1.49 -22.72
C HIS A 10 -5.72 1.70 -23.95
N SER A 11 -5.22 2.94 -24.14
CA SER A 11 -4.44 3.30 -25.35
C SER A 11 -3.04 2.72 -25.38
N ARG A 12 -2.60 2.06 -24.32
CA ARG A 12 -1.26 1.44 -24.20
C ARG A 12 -1.44 -0.02 -23.80
N PRO A 13 -1.99 -0.84 -24.69
CA PRO A 13 -2.46 -2.17 -24.37
C PRO A 13 -1.42 -3.12 -23.78
N TYR A 14 -0.11 -2.86 -23.97
CA TYR A 14 1.03 -3.63 -23.41
C TYR A 14 1.17 -3.45 -21.90
N MET A 15 0.54 -2.36 -21.35
CA MET A 15 0.88 -2.06 -19.96
C MET A 15 0.32 -3.02 -18.93
N ALA A 16 1.23 -3.47 -18.11
CA ALA A 16 0.98 -4.32 -16.90
C ALA A 16 1.13 -3.51 -15.63
N HIS A 17 0.09 -3.64 -14.78
CA HIS A 17 0.18 -3.22 -13.37
C HIS A 17 0.53 -4.39 -12.46
N LEU A 18 1.67 -4.35 -11.81
CA LEU A 18 2.13 -5.40 -10.90
C LEU A 18 1.80 -5.13 -9.44
N ASP A 19 1.14 -6.08 -8.81
CA ASP A 19 0.82 -6.12 -7.39
C ASP A 19 1.60 -7.17 -6.62
N ILE A 20 2.50 -6.63 -5.87
CA ILE A 20 3.62 -7.38 -5.28
C ILE A 20 3.53 -7.53 -3.79
N VAL A 21 3.56 -8.80 -3.34
CA VAL A 21 3.80 -9.16 -1.91
C VAL A 21 5.25 -9.42 -1.73
N THR A 22 5.88 -8.50 -1.04
CA THR A 22 7.26 -8.56 -0.57
C THR A 22 7.45 -9.62 0.51
N GLU A 23 8.69 -10.11 0.69
CA GLU A 23 9.07 -11.18 1.65
C GLU A 23 8.74 -10.87 3.08
N LYS A 24 8.48 -9.62 3.41
CA LYS A 24 7.94 -9.15 4.69
C LYS A 24 6.50 -8.77 4.68
N GLY A 25 5.84 -9.21 3.63
CA GLY A 25 4.36 -9.18 3.64
C GLY A 25 3.83 -7.79 3.39
N LEU A 26 4.61 -7.03 2.66
CA LEU A 26 4.17 -5.70 2.22
C LEU A 26 3.69 -5.70 0.77
N ARG A 27 2.69 -4.93 0.48
CA ARG A 27 2.18 -4.73 -0.84
C ARG A 27 2.76 -3.45 -1.39
N VAL A 28 3.45 -3.63 -2.45
CA VAL A 28 4.12 -2.64 -3.29
C VAL A 28 3.55 -2.75 -4.69
N ILE A 29 3.80 -1.73 -5.50
CA ILE A 29 3.53 -1.79 -6.94
C ILE A 29 4.77 -1.65 -7.79
N CYS A 30 4.63 -2.13 -9.00
CA CYS A 30 5.56 -1.76 -10.08
C CYS A 30 4.82 -1.76 -11.38
N GLY A 31 5.55 -1.39 -12.42
CA GLY A 31 5.01 -1.49 -13.77
C GLY A 31 5.63 -2.66 -14.48
N GLY A 32 5.28 -2.82 -15.72
CA GLY A 32 5.79 -3.90 -16.56
C GLY A 32 5.10 -3.83 -17.90
N PHE A 33 5.48 -4.69 -18.82
CA PHE A 33 4.98 -4.64 -20.19
C PHE A 33 4.95 -6.00 -20.84
N LEU A 34 3.86 -6.28 -21.54
CA LEU A 34 3.58 -7.57 -22.14
C LEU A 34 4.28 -7.70 -23.48
N ILE A 35 5.15 -8.72 -23.58
CA ILE A 35 6.06 -9.03 -24.73
C ILE A 35 5.68 -10.25 -25.52
N SER A 36 4.84 -11.09 -24.91
CA SER A 36 4.25 -12.26 -25.54
C SER A 36 3.08 -12.69 -24.71
N ARG A 37 2.36 -13.67 -25.15
CA ARG A 37 1.16 -14.10 -24.39
C ARG A 37 1.49 -14.75 -23.06
N GLN A 38 2.76 -15.06 -22.81
CA GLN A 38 3.01 -15.58 -21.47
C GLN A 38 4.06 -14.87 -20.63
N PHE A 39 4.65 -13.82 -21.18
CA PHE A 39 5.79 -13.20 -20.53
C PHE A 39 5.65 -11.70 -20.45
N VAL A 40 5.88 -11.17 -19.27
CA VAL A 40 5.93 -9.76 -18.99
C VAL A 40 7.34 -9.33 -18.65
N LEU A 41 7.82 -8.20 -19.22
CA LEU A 41 9.12 -7.58 -18.82
C LEU A 41 8.96 -6.55 -17.70
N THR A 42 9.94 -6.46 -16.82
CA THR A 42 9.93 -5.57 -15.65
C THR A 42 11.30 -5.46 -15.05
N ALA A 43 11.42 -4.71 -13.99
CA ALA A 43 12.73 -4.49 -13.33
C ALA A 43 13.03 -5.65 -12.39
N ALA A 44 14.30 -6.08 -12.25
CA ALA A 44 14.71 -7.10 -11.21
C ALA A 44 14.42 -6.59 -9.82
N HIS A 45 14.41 -5.27 -9.62
CA HIS A 45 14.07 -4.83 -8.26
C HIS A 45 12.63 -4.94 -7.81
N CYS A 46 11.80 -5.36 -8.71
CA CYS A 46 10.37 -5.57 -8.46
C CYS A 46 10.03 -7.00 -8.05
N LYS A 47 11.08 -7.74 -7.67
CA LYS A 47 10.97 -9.08 -7.07
C LYS A 47 10.20 -9.11 -5.75
N GLY A 48 9.49 -10.17 -5.58
CA GLY A 48 8.59 -10.32 -4.42
C GLY A 48 8.33 -11.77 -4.11
N ARG A 49 7.64 -11.98 -3.03
CA ARG A 49 7.20 -13.32 -2.72
C ARG A 49 6.14 -13.75 -3.71
N GLU A 50 5.24 -12.86 -4.04
CA GLU A 50 4.12 -13.21 -4.92
C GLU A 50 3.69 -12.04 -5.77
N ILE A 51 3.60 -12.26 -7.09
CA ILE A 51 3.27 -11.25 -8.12
C ILE A 51 1.98 -11.56 -8.84
N THR A 52 1.10 -10.58 -8.74
CA THR A 52 -0.11 -10.56 -9.55
C THR A 52 -0.08 -9.44 -10.57
N VAL A 53 -0.26 -9.85 -11.79
CA VAL A 53 -0.25 -8.98 -12.92
C VAL A 53 -1.66 -8.72 -13.30
N ILE A 54 -1.96 -7.43 -13.48
CA ILE A 54 -3.20 -6.92 -14.09
C ILE A 54 -3.00 -6.22 -15.44
N LEU A 55 -3.56 -6.85 -16.45
CA LEU A 55 -3.54 -6.34 -17.84
C LEU A 55 -4.86 -5.65 -18.13
N GLY A 56 -4.92 -4.89 -19.18
CA GLY A 56 -6.13 -4.24 -19.64
C GLY A 56 -6.65 -3.20 -18.67
N ALA A 57 -5.82 -2.60 -17.84
CA ALA A 57 -6.38 -1.65 -16.87
C ALA A 57 -6.15 -0.19 -17.26
N HIS A 58 -6.95 0.64 -16.69
CA HIS A 58 -6.68 2.05 -16.72
C HIS A 58 -6.76 2.51 -15.29
N ASP A 59 -7.94 2.38 -14.68
CA ASP A 59 -8.15 2.59 -13.23
C ASP A 59 -8.19 1.28 -12.49
N VAL A 60 -7.12 1.04 -11.76
CA VAL A 60 -6.94 -0.26 -11.17
C VAL A 60 -7.84 -0.44 -9.95
N ARG A 61 -8.65 0.55 -9.65
CA ARG A 61 -9.49 0.38 -8.51
C ARG A 61 -10.95 0.14 -8.86
N LYS A 62 -11.16 0.08 -10.16
CA LYS A 62 -12.41 -0.36 -10.76
C LYS A 62 -12.28 -1.68 -11.48
N ARG A 63 -13.35 -2.41 -11.51
CA ARG A 63 -13.31 -3.75 -12.11
C ARG A 63 -13.79 -3.62 -13.52
N GLU A 64 -12.79 -3.31 -14.36
CA GLU A 64 -13.04 -2.95 -15.74
C GLU A 64 -13.13 -4.22 -16.57
N SER A 65 -14.07 -4.20 -17.49
CA SER A 65 -14.39 -5.28 -18.46
C SER A 65 -13.17 -5.88 -19.10
N THR A 66 -12.16 -5.03 -19.36
CA THR A 66 -10.95 -5.27 -20.22
C THR A 66 -9.83 -5.98 -19.48
N GLN A 67 -9.99 -5.99 -18.12
CA GLN A 67 -8.94 -6.52 -17.22
C GLN A 67 -8.79 -7.99 -17.26
N GLN A 68 -7.54 -8.40 -17.28
CA GLN A 68 -7.15 -9.76 -17.00
C GLN A 68 -6.12 -9.79 -15.89
N LYS A 69 -6.52 -10.31 -14.73
CA LYS A 69 -5.66 -10.58 -13.56
C LYS A 69 -5.10 -12.00 -13.58
N ILE A 70 -3.76 -12.14 -13.70
CA ILE A 70 -3.03 -13.39 -13.82
C ILE A 70 -1.89 -13.49 -12.82
N LYS A 71 -1.79 -14.63 -12.16
CA LYS A 71 -0.58 -14.81 -11.36
C LYS A 71 0.69 -15.19 -12.11
N VAL A 72 1.83 -14.72 -11.59
CA VAL A 72 3.15 -15.13 -12.11
C VAL A 72 3.60 -16.46 -11.50
N GLU A 73 3.95 -17.40 -12.37
CA GLU A 73 4.57 -18.70 -12.09
C GLU A 73 6.03 -18.51 -11.76
N LYS A 74 6.75 -17.93 -12.69
CA LYS A 74 8.18 -17.77 -12.47
C LYS A 74 8.60 -16.30 -12.52
N GLN A 75 9.60 -15.96 -11.72
CA GLN A 75 10.36 -14.73 -11.72
C GLN A 75 11.79 -14.96 -12.13
N ILE A 76 12.17 -14.58 -13.33
CA ILE A 76 13.51 -14.87 -13.83
C ILE A 76 14.28 -13.59 -13.96
N ILE A 77 15.13 -13.35 -12.99
CA ILE A 77 15.99 -12.18 -12.81
C ILE A 77 17.31 -12.38 -13.48
N HIS A 78 17.76 -11.37 -14.19
CA HIS A 78 18.97 -11.51 -15.00
C HIS A 78 20.12 -11.99 -14.15
N GLU A 79 20.87 -12.93 -14.72
CA GLU A 79 21.90 -13.63 -13.96
C GLU A 79 23.02 -12.79 -13.42
N SER A 80 23.11 -11.51 -13.83
CA SER A 80 24.18 -10.69 -13.25
C SER A 80 23.76 -9.43 -12.55
N TYR A 81 22.45 -9.34 -12.21
CA TYR A 81 21.77 -8.25 -11.44
C TYR A 81 22.47 -7.95 -10.13
N ASN A 82 23.26 -6.91 -9.95
CA ASN A 82 23.86 -6.91 -8.59
C ASN A 82 23.00 -6.00 -7.75
N SER A 83 23.22 -5.85 -6.47
CA SER A 83 22.41 -4.94 -5.65
C SER A 83 23.24 -3.93 -4.90
N VAL A 84 23.99 -3.20 -5.70
CA VAL A 84 24.75 -1.99 -5.34
C VAL A 84 24.97 -1.08 -6.52
N PRO A 85 25.60 -1.56 -7.61
CA PRO A 85 25.61 -0.84 -8.90
C PRO A 85 24.25 -0.72 -9.54
N ASN A 86 23.26 -1.45 -8.98
CA ASN A 86 21.91 -1.60 -9.55
C ASN A 86 21.91 -2.00 -11.02
N LEU A 87 23.02 -2.59 -11.49
CA LEU A 87 23.21 -3.10 -12.83
C LEU A 87 22.41 -4.35 -13.14
N HIS A 88 22.02 -4.45 -14.41
CA HIS A 88 21.27 -5.56 -15.01
C HIS A 88 19.90 -5.68 -14.37
N ASP A 89 19.25 -4.52 -14.20
CA ASP A 89 17.93 -4.41 -13.51
C ASP A 89 16.75 -4.73 -14.40
N ILE A 90 16.62 -6.01 -14.71
CA ILE A 90 15.68 -6.55 -15.68
C ILE A 90 15.26 -7.96 -15.28
N MET A 91 13.97 -8.21 -15.40
CA MET A 91 13.39 -9.45 -14.97
C MET A 91 12.31 -9.87 -15.96
N LEU A 92 12.30 -11.19 -16.26
CA LEU A 92 11.14 -11.83 -16.89
C LEU A 92 10.14 -12.45 -15.93
N LEU A 93 8.88 -12.10 -16.11
CA LEU A 93 7.81 -12.82 -15.46
C LEU A 93 7.21 -13.88 -16.36
N LYS A 94 7.34 -15.13 -15.99
CA LYS A 94 6.53 -16.15 -16.67
C LYS A 94 5.16 -16.21 -16.05
N LEU A 95 4.15 -15.92 -16.86
CA LEU A 95 2.76 -16.07 -16.39
C LEU A 95 2.26 -17.52 -16.21
N GLU A 96 1.33 -17.74 -15.27
CA GLU A 96 0.58 -19.00 -14.98
C GLU A 96 -0.15 -19.51 -16.19
N LYS A 97 -0.87 -18.61 -16.84
CA LYS A 97 -1.67 -18.80 -18.08
C LYS A 97 -1.01 -17.95 -19.16
N LYS A 98 -1.36 -18.25 -20.40
CA LYS A 98 -1.29 -17.21 -21.44
C LYS A 98 -2.49 -16.29 -21.39
N VAL A 99 -2.20 -15.06 -21.65
CA VAL A 99 -3.15 -13.98 -21.76
C VAL A 99 -4.00 -14.22 -23.02
N GLU A 100 -5.23 -13.68 -23.02
CA GLU A 100 -6.02 -13.47 -24.25
C GLU A 100 -5.77 -12.11 -24.87
N LEU A 101 -5.28 -12.07 -26.13
CA LEU A 101 -5.02 -10.80 -26.83
C LEU A 101 -6.31 -10.17 -27.31
N THR A 102 -6.61 -8.96 -26.82
CA THR A 102 -7.81 -8.20 -27.19
C THR A 102 -7.47 -6.77 -27.60
N PRO A 103 -8.46 -6.00 -28.06
CA PRO A 103 -8.34 -4.54 -28.21
C PRO A 103 -7.67 -3.82 -27.07
N ALA A 104 -7.94 -4.27 -25.85
CA ALA A 104 -7.25 -3.62 -24.70
C ALA A 104 -5.98 -4.28 -24.19
N VAL A 105 -5.70 -5.49 -24.62
CA VAL A 105 -4.53 -6.19 -24.08
C VAL A 105 -3.76 -6.80 -25.22
N ASN A 106 -2.56 -6.23 -25.53
CA ASN A 106 -1.68 -6.74 -26.60
C ASN A 106 -0.25 -6.34 -26.40
N VAL A 107 0.64 -6.83 -27.28
CA VAL A 107 2.11 -6.85 -27.01
C VAL A 107 2.83 -5.64 -27.52
N VAL A 108 3.97 -5.30 -26.94
CA VAL A 108 4.80 -4.21 -27.46
C VAL A 108 5.99 -4.86 -28.11
N PRO A 109 6.38 -4.41 -29.28
CA PRO A 109 7.61 -4.82 -29.90
C PRO A 109 8.86 -4.53 -29.07
N LEU A 110 9.82 -5.43 -29.22
CA LEU A 110 11.20 -5.27 -28.74
C LEU A 110 12.11 -4.86 -29.87
N PRO A 111 13.16 -4.10 -29.57
CA PRO A 111 14.13 -3.64 -30.59
C PRO A 111 14.81 -4.86 -31.13
N SER A 112 15.57 -4.63 -32.16
CA SER A 112 16.54 -5.62 -32.57
C SER A 112 17.83 -5.31 -31.84
N PRO A 113 18.68 -6.35 -31.57
CA PRO A 113 19.89 -6.22 -30.74
C PRO A 113 20.88 -5.22 -31.27
N SER A 114 20.68 -4.83 -32.54
CA SER A 114 21.43 -3.77 -33.23
C SER A 114 20.77 -2.42 -33.12
N ASP A 115 19.55 -2.38 -32.58
CA ASP A 115 18.87 -1.08 -32.46
C ASP A 115 19.26 -0.37 -31.18
N PHE A 116 20.30 0.44 -31.20
CA PHE A 116 20.52 1.48 -30.14
C PHE A 116 19.61 2.70 -30.24
N ILE A 117 19.22 3.26 -29.12
CA ILE A 117 18.62 4.61 -29.15
C ILE A 117 19.71 5.63 -28.88
N HIS A 118 19.71 6.61 -29.76
CA HIS A 118 20.50 7.83 -29.74
C HIS A 118 20.05 8.68 -28.59
N PRO A 119 21.01 9.47 -28.15
CA PRO A 119 20.80 10.72 -27.48
C PRO A 119 20.03 11.71 -28.32
N GLY A 120 19.01 12.28 -27.69
CA GLY A 120 18.20 13.27 -28.33
C GLY A 120 16.92 12.71 -28.90
N ALA A 121 16.68 11.40 -28.79
CA ALA A 121 15.32 10.87 -29.14
C ALA A 121 14.27 11.25 -28.13
N MET A 122 13.05 11.54 -28.62
CA MET A 122 11.91 11.76 -27.72
C MET A 122 11.00 10.55 -27.53
N CYS A 123 10.87 10.20 -26.23
CA CYS A 123 10.27 8.92 -25.79
C CYS A 123 9.17 9.06 -24.77
N TRP A 124 8.34 8.03 -24.60
CA TRP A 124 7.26 8.07 -23.62
C TRP A 124 7.37 6.96 -22.59
N ALA A 125 7.14 7.34 -21.31
CA ALA A 125 7.16 6.52 -20.12
C ALA A 125 5.82 6.53 -19.44
N ALA A 126 5.33 5.35 -19.12
CA ALA A 126 4.05 5.37 -18.45
C ALA A 126 4.00 4.59 -17.14
N GLY A 127 3.07 4.98 -16.28
CA GLY A 127 3.03 4.28 -15.00
C GLY A 127 1.91 4.71 -14.08
N TRP A 128 1.82 4.02 -12.97
CA TRP A 128 0.86 4.27 -11.89
C TRP A 128 1.60 4.71 -10.63
N GLY A 129 2.86 5.13 -10.76
CA GLY A 129 3.62 5.52 -9.56
C GLY A 129 3.32 6.94 -9.11
N LYS A 130 4.10 7.38 -8.12
CA LYS A 130 3.93 8.66 -7.45
C LYS A 130 3.99 9.80 -8.43
N THR A 131 3.09 10.78 -8.13
CA THR A 131 2.94 11.95 -8.95
C THR A 131 3.67 13.16 -8.40
N GLY A 132 4.46 12.92 -7.35
CA GLY A 132 5.36 13.90 -6.76
C GLY A 132 6.22 13.27 -5.70
N VAL A 133 7.26 13.97 -5.26
CA VAL A 133 8.19 13.39 -4.31
C VAL A 133 7.51 12.95 -3.03
N ARG A 134 6.50 13.74 -2.64
CA ARG A 134 5.63 13.53 -1.43
C ARG A 134 4.20 13.23 -1.80
N ASP A 135 3.93 12.95 -3.06
CA ASP A 135 2.54 12.68 -3.44
C ASP A 135 2.38 11.22 -3.74
N PRO A 136 1.19 10.74 -3.52
CA PRO A 136 0.87 9.29 -3.54
C PRO A 136 0.88 8.69 -4.93
N THR A 137 0.89 7.39 -4.97
CA THR A 137 0.79 6.70 -6.24
C THR A 137 -0.56 6.97 -6.87
N SER A 138 -0.58 6.78 -8.18
CA SER A 138 -1.74 7.09 -8.94
C SER A 138 -2.57 5.83 -9.21
N TYR A 139 -3.88 5.97 -9.10
CA TYR A 139 -4.84 4.86 -9.38
C TYR A 139 -5.09 4.65 -10.87
N THR A 140 -4.85 5.68 -11.67
CA THR A 140 -5.04 5.59 -13.13
C THR A 140 -3.74 5.90 -13.83
N LEU A 141 -3.49 5.23 -14.93
CA LEU A 141 -2.22 5.33 -15.70
C LEU A 141 -1.92 6.74 -16.20
N ARG A 142 -0.70 7.13 -15.95
CA ARG A 142 -0.13 8.43 -16.31
C ARG A 142 1.06 8.21 -17.20
N GLU A 143 1.40 9.25 -17.94
CA GLU A 143 2.48 9.14 -18.91
C GLU A 143 3.18 10.46 -19.08
N VAL A 144 4.42 10.38 -19.47
CA VAL A 144 5.23 11.55 -19.62
C VAL A 144 6.25 11.41 -20.73
N GLU A 145 6.53 12.52 -21.47
CA GLU A 145 7.53 12.58 -22.55
C GLU A 145 8.90 13.03 -22.06
N LEU A 146 9.85 12.17 -22.32
CA LEU A 146 11.22 12.21 -21.80
C LEU A 146 12.26 12.15 -22.90
N ARG A 147 13.36 12.76 -22.62
CA ARG A 147 14.38 13.00 -23.63
C ARG A 147 15.62 12.19 -23.33
N ILE A 148 15.99 11.39 -24.31
CA ILE A 148 17.16 10.52 -24.14
C ILE A 148 18.41 11.39 -24.23
N MET A 149 19.28 11.27 -23.21
CA MET A 149 20.52 12.04 -22.96
C MET A 149 21.77 11.33 -23.39
N ASP A 150 22.80 12.13 -23.57
CA ASP A 150 24.21 11.72 -23.75
C ASP A 150 24.73 11.16 -22.44
N GLU A 151 25.57 10.15 -22.51
CA GLU A 151 26.29 9.50 -21.39
C GLU A 151 26.73 10.54 -20.35
N LYS A 152 27.29 11.67 -20.85
CA LYS A 152 27.87 12.76 -20.01
C LYS A 152 26.90 13.23 -18.96
N ALA A 153 25.67 13.05 -19.28
CA ALA A 153 24.65 13.66 -18.46
C ALA A 153 24.44 12.84 -17.19
N CYS A 154 24.97 11.60 -17.19
CA CYS A 154 24.81 10.73 -16.01
C CYS A 154 26.12 10.19 -15.47
N VAL A 155 27.25 10.51 -16.11
CA VAL A 155 28.55 9.97 -15.66
C VAL A 155 29.32 10.98 -14.85
N ASP A 156 29.84 11.99 -15.55
CA ASP A 156 30.60 13.07 -14.93
C ASP A 156 29.70 13.95 -14.14
N TYR A 157 28.42 13.85 -14.48
CA TYR A 157 27.34 14.38 -13.64
C TYR A 157 26.64 13.28 -12.87
N ARG A 158 27.44 12.35 -12.32
CA ARG A 158 26.95 11.42 -11.29
C ARG A 158 27.49 10.00 -11.25
N TYR A 159 26.75 9.12 -11.92
CA TYR A 159 26.77 7.66 -11.74
C TYR A 159 27.18 6.85 -12.96
N TYR A 160 26.25 5.98 -13.40
CA TYR A 160 26.14 5.32 -14.74
C TYR A 160 26.81 3.95 -14.95
N GLU A 161 26.95 3.60 -16.30
CA GLU A 161 27.30 2.47 -17.22
C GLU A 161 26.51 2.33 -18.55
N TYR A 162 27.01 2.96 -19.62
CA TYR A 162 26.33 3.28 -20.90
C TYR A 162 25.83 2.14 -21.78
N LYS A 163 26.47 1.00 -21.68
CA LYS A 163 26.18 -0.13 -22.58
C LYS A 163 24.85 -0.75 -22.25
N PHE A 164 24.57 -0.76 -20.99
CA PHE A 164 23.46 -1.51 -20.45
C PHE A 164 22.34 -0.59 -19.98
N GLN A 165 22.69 0.71 -19.86
CA GLN A 165 21.79 1.76 -19.26
C GLN A 165 21.57 3.01 -20.13
N VAL A 166 20.38 3.59 -20.06
CA VAL A 166 20.11 4.84 -20.80
C VAL A 166 20.00 6.00 -19.81
N CYS A 167 20.51 7.19 -20.14
CA CYS A 167 20.15 8.35 -19.32
C CYS A 167 18.93 9.04 -19.88
N VAL A 168 17.99 9.32 -19.02
CA VAL A 168 16.74 9.82 -19.54
C VAL A 168 16.26 11.01 -18.76
N GLY A 169 15.95 12.08 -19.50
CA GLY A 169 15.42 13.31 -18.97
C GLY A 169 16.42 14.44 -18.87
N SER A 170 15.95 15.55 -19.48
CA SER A 170 16.68 16.81 -19.39
C SER A 170 16.40 17.50 -18.07
N PRO A 171 17.46 18.14 -17.55
CA PRO A 171 17.43 18.98 -16.32
C PRO A 171 16.70 20.29 -16.54
N THR A 172 16.10 20.39 -17.71
CA THR A 172 15.28 21.51 -18.15
C THR A 172 13.87 21.44 -17.62
N THR A 173 13.44 20.23 -17.22
CA THR A 173 12.08 19.97 -16.76
C THR A 173 12.12 19.09 -15.55
N LEU A 174 11.09 19.15 -14.72
CA LEU A 174 10.89 18.15 -13.65
C LEU A 174 10.09 16.89 -14.03
N ARG A 175 10.08 16.59 -15.29
CA ARG A 175 9.45 15.37 -15.76
C ARG A 175 10.27 14.13 -15.51
N ALA A 176 9.58 13.20 -14.87
CA ALA A 176 10.26 12.04 -14.33
C ALA A 176 9.29 10.91 -14.09
N ALA A 177 9.82 9.70 -14.22
CA ALA A 177 9.27 8.48 -13.66
C ALA A 177 9.75 8.33 -12.23
N PHE A 178 8.82 7.95 -11.36
CA PHE A 178 9.17 7.88 -9.96
C PHE A 178 8.85 6.52 -9.34
N MET A 179 8.65 6.51 -8.03
CA MET A 179 8.33 5.37 -7.17
C MET A 179 6.99 4.79 -7.55
N GLY A 180 7.06 3.52 -7.94
CA GLY A 180 5.94 2.76 -8.46
C GLY A 180 5.93 2.60 -9.97
N ASP A 181 6.73 3.41 -10.67
CA ASP A 181 6.83 3.41 -12.14
C ASP A 181 7.92 2.45 -12.59
N SER A 182 8.69 2.01 -11.59
CA SER A 182 9.73 0.99 -11.84
C SER A 182 9.20 -0.19 -12.60
N GLY A 183 9.98 -0.57 -13.56
CA GLY A 183 9.68 -1.73 -14.37
C GLY A 183 8.80 -1.42 -15.58
N GLY A 184 8.32 -0.18 -15.68
CA GLY A 184 7.60 0.32 -16.87
C GLY A 184 8.48 0.62 -18.07
N PRO A 185 7.82 0.63 -19.27
CA PRO A 185 8.43 0.79 -20.58
C PRO A 185 8.85 2.23 -20.78
N LEU A 186 9.94 2.38 -21.53
CA LEU A 186 10.33 3.61 -22.27
C LEU A 186 10.11 3.33 -23.73
N LEU A 187 9.08 3.96 -24.28
CA LEU A 187 8.68 3.78 -25.68
C LEU A 187 9.33 4.80 -26.58
N CYS A 188 10.19 4.33 -27.48
CA CYS A 188 10.81 5.17 -28.51
C CYS A 188 10.52 4.60 -29.88
N ALA A 189 9.82 5.39 -30.65
CA ALA A 189 9.47 5.00 -32.00
C ALA A 189 8.74 3.70 -32.08
N GLY A 190 7.73 3.51 -31.25
CA GLY A 190 6.93 2.30 -31.40
C GLY A 190 7.37 1.12 -30.53
N VAL A 191 8.63 1.22 -30.08
CA VAL A 191 9.43 0.10 -29.60
C VAL A 191 9.87 0.28 -28.17
N ALA A 192 9.89 -0.82 -27.38
CA ALA A 192 10.31 -0.68 -25.97
C ALA A 192 11.81 -0.71 -25.78
N HIS A 193 12.39 0.48 -25.59
CA HIS A 193 13.82 0.69 -25.52
C HIS A 193 14.41 0.70 -24.12
N GLY A 194 13.54 0.93 -23.17
CA GLY A 194 13.92 1.14 -21.80
C GLY A 194 12.97 0.51 -20.80
N ILE A 195 13.50 0.33 -19.60
CA ILE A 195 12.71 -0.03 -18.44
C ILE A 195 13.12 0.89 -17.33
N VAL A 196 12.16 1.51 -16.65
CA VAL A 196 12.40 2.39 -15.50
C VAL A 196 13.13 1.65 -14.39
N SER A 197 14.33 2.09 -14.09
CA SER A 197 15.13 1.39 -13.09
C SER A 197 15.26 2.26 -11.86
N TYR A 198 16.08 3.33 -11.99
CA TYR A 198 16.32 4.20 -10.82
C TYR A 198 16.67 5.65 -11.10
N GLY A 199 16.74 6.45 -10.03
CA GLY A 199 17.22 7.84 -10.17
C GLY A 199 17.74 8.42 -8.87
N HIS A 200 17.55 9.72 -8.75
CA HIS A 200 17.82 10.54 -7.58
C HIS A 200 16.56 10.57 -6.71
N PRO A 201 16.73 10.54 -5.38
CA PRO A 201 15.65 10.60 -4.35
C PRO A 201 14.78 11.84 -4.39
N ASP A 202 15.29 12.89 -4.95
CA ASP A 202 14.47 14.08 -5.25
C ASP A 202 13.76 13.97 -6.57
N ALA A 203 14.03 12.87 -7.31
CA ALA A 203 13.50 12.62 -8.67
C ALA A 203 13.86 13.69 -9.70
N LYS A 204 14.93 14.36 -9.42
CA LYS A 204 15.53 15.33 -10.34
C LYS A 204 16.30 14.66 -11.46
N PRO A 205 15.95 14.96 -12.71
CA PRO A 205 16.57 14.37 -13.92
C PRO A 205 18.04 14.69 -13.97
N PRO A 206 18.84 13.82 -14.60
CA PRO A 206 18.41 12.65 -15.38
C PRO A 206 18.23 11.38 -14.55
N ALA A 207 17.53 10.38 -15.09
CA ALA A 207 17.42 9.07 -14.40
C ALA A 207 17.92 7.94 -15.27
N ILE A 208 17.97 6.79 -14.65
CA ILE A 208 18.51 5.59 -15.29
C ILE A 208 17.48 4.51 -15.58
N PHE A 209 17.47 4.14 -16.87
CA PHE A 209 16.57 3.08 -17.43
C PHE A 209 17.48 1.98 -17.95
N THR A 210 17.03 0.76 -17.81
CA THR A 210 17.74 -0.37 -18.41
C THR A 210 17.57 -0.26 -19.92
N ARG A 211 18.70 -0.39 -20.64
CA ARG A 211 18.74 -0.46 -22.12
C ARG A 211 18.27 -1.81 -22.66
N VAL A 212 17.03 -1.87 -23.19
CA VAL A 212 16.45 -3.12 -23.64
C VAL A 212 17.15 -3.86 -24.74
N SER A 213 17.70 -3.13 -25.70
CA SER A 213 18.50 -3.58 -26.85
C SER A 213 19.55 -4.63 -26.49
N THR A 214 20.26 -4.26 -25.47
CA THR A 214 21.37 -5.04 -24.96
C THR A 214 20.98 -6.37 -24.40
N TYR A 215 19.77 -6.43 -23.86
CA TYR A 215 19.28 -7.65 -23.19
C TYR A 215 18.42 -8.58 -24.00
N VAL A 216 18.08 -8.16 -25.25
CA VAL A 216 17.31 -8.98 -26.20
C VAL A 216 17.87 -10.38 -26.33
N PRO A 217 19.19 -10.62 -26.55
CA PRO A 217 19.68 -11.98 -26.71
C PRO A 217 19.49 -12.83 -25.49
N TRP A 218 19.42 -12.22 -24.32
CA TRP A 218 19.04 -12.91 -23.06
C TRP A 218 17.56 -13.21 -23.03
N ILE A 219 16.74 -12.24 -23.28
CA ILE A 219 15.27 -12.38 -23.42
C ILE A 219 14.90 -13.47 -24.38
N ASN A 220 15.51 -13.50 -25.57
CA ASN A 220 15.10 -14.60 -26.44
C ASN A 220 15.57 -15.94 -25.96
N ALA A 221 16.73 -16.00 -25.31
CA ALA A 221 17.16 -17.32 -24.83
C ALA A 221 16.32 -17.78 -23.67
N VAL A 222 15.79 -16.87 -22.87
CA VAL A 222 14.96 -17.34 -21.76
C VAL A 222 13.56 -17.71 -22.17
N ILE A 223 13.02 -16.95 -23.08
CA ILE A 223 11.60 -17.16 -23.40
C ILE A 223 11.53 -18.34 -24.34
N ASN A 224 12.35 -18.28 -25.38
CA ASN A 224 12.27 -19.22 -26.51
C ASN A 224 13.06 -20.49 -26.29
N ILE B 1 -5.05 -8.87 11.54
CA ILE B 1 -5.46 -9.74 12.68
C ILE B 1 -4.79 -11.08 12.50
N ILE B 2 -4.03 -11.50 13.52
CA ILE B 2 -3.29 -12.74 13.59
C ILE B 2 -4.02 -13.79 14.39
N GLY B 3 -4.30 -14.95 13.78
CA GLY B 3 -4.92 -16.09 14.46
C GLY B 3 -6.43 -16.11 14.52
N GLY B 4 -7.09 -15.21 13.84
CA GLY B 4 -8.52 -15.12 14.00
C GLY B 4 -9.23 -15.55 12.75
N VAL B 5 -10.46 -15.03 12.59
CA VAL B 5 -11.42 -15.56 11.63
C VAL B 5 -11.92 -14.42 10.82
N GLU B 6 -12.47 -14.76 9.65
CA GLU B 6 -13.19 -13.77 8.81
C GLU B 6 -14.43 -13.36 9.53
N SER B 7 -14.72 -12.07 9.56
CA SER B 7 -15.98 -11.69 10.17
C SER B 7 -17.18 -12.09 9.31
N ILE B 8 -18.37 -12.18 9.90
CA ILE B 8 -19.63 -12.11 9.14
C ILE B 8 -19.82 -10.72 8.54
N PRO B 9 -19.98 -10.65 7.25
CA PRO B 9 -20.15 -9.35 6.59
C PRO B 9 -21.24 -8.47 7.18
N HIS B 10 -20.89 -7.30 7.63
CA HIS B 10 -21.90 -6.28 8.07
C HIS B 10 -22.34 -6.47 9.50
N SER B 11 -21.74 -7.46 10.19
CA SER B 11 -22.14 -7.72 11.61
C SER B 11 -21.48 -6.84 12.66
N ARG B 12 -20.51 -6.07 12.21
CA ARG B 12 -19.84 -5.02 13.00
C ARG B 12 -19.92 -3.64 12.43
N PRO B 13 -21.11 -3.07 12.40
CA PRO B 13 -21.43 -1.99 11.45
C PRO B 13 -20.75 -0.67 11.79
N TYR B 14 -20.07 -0.62 12.92
CA TYR B 14 -19.32 0.54 13.46
C TYR B 14 -17.94 0.58 12.86
N MET B 15 -17.55 -0.55 12.25
CA MET B 15 -16.16 -0.64 11.77
C MET B 15 -15.81 0.36 10.68
N ALA B 16 -14.77 1.21 10.88
CA ALA B 16 -14.28 2.22 9.89
C ALA B 16 -12.95 1.79 9.32
N HIS B 17 -12.89 1.58 8.01
CA HIS B 17 -11.58 1.30 7.39
C HIS B 17 -11.00 2.62 6.93
N LEU B 18 -9.78 2.89 7.39
CA LEU B 18 -9.10 4.14 7.05
C LEU B 18 -8.05 4.00 5.97
N ASP B 19 -8.26 4.83 4.93
CA ASP B 19 -7.25 5.11 3.91
C ASP B 19 -6.53 6.41 4.11
N ILE B 20 -5.30 6.25 4.49
CA ILE B 20 -4.49 7.40 4.89
C ILE B 20 -3.38 7.70 3.92
N VAL B 21 -3.25 8.96 3.59
CA VAL B 21 -2.06 9.46 2.95
C VAL B 21 -1.21 10.20 3.95
N THR B 22 -0.03 9.67 4.14
CA THR B 22 0.95 10.22 5.04
C THR B 22 1.65 11.42 4.42
N GLU B 23 2.40 12.11 5.23
CA GLU B 23 3.01 13.39 4.85
C GLU B 23 4.00 13.29 3.73
N LYS B 24 4.69 12.18 3.74
CA LYS B 24 5.52 11.86 2.56
C LYS B 24 4.83 11.12 1.42
N GLY B 25 3.48 11.22 1.30
CA GLY B 25 2.66 10.51 0.30
C GLY B 25 2.79 8.99 0.27
N LEU B 26 2.66 8.39 1.42
CA LEU B 26 2.46 6.94 1.49
C LEU B 26 1.00 6.64 1.78
N ARG B 27 0.43 5.64 1.08
CA ARG B 27 -0.90 5.08 1.40
C ARG B 27 -0.65 4.06 2.47
N VAL B 28 -1.30 4.28 3.55
CA VAL B 28 -1.29 3.39 4.69
C VAL B 28 -2.71 3.07 5.15
N ILE B 29 -2.90 1.96 5.85
CA ILE B 29 -4.23 1.73 6.41
C ILE B 29 -4.20 1.78 7.93
N CYS B 30 -5.36 2.00 8.50
CA CYS B 30 -5.64 1.88 9.93
C CYS B 30 -7.04 1.45 10.07
N GLY B 31 -7.44 1.07 11.30
CA GLY B 31 -8.87 0.82 11.58
C GLY B 31 -9.46 2.02 12.27
N GLY B 32 -10.71 1.99 12.59
CA GLY B 32 -11.42 2.93 13.45
C GLY B 32 -12.84 2.50 13.69
N PHE B 33 -13.48 3.23 14.53
CA PHE B 33 -14.86 2.97 14.97
C PHE B 33 -15.78 4.19 15.14
N LEU B 34 -17.00 4.13 14.56
CA LEU B 34 -18.00 5.17 14.52
C LEU B 34 -18.79 5.24 15.81
N ILE B 35 -18.65 6.36 16.48
CA ILE B 35 -19.23 6.61 17.79
C ILE B 35 -20.27 7.70 17.75
N SER B 36 -20.36 8.41 16.67
CA SER B 36 -21.48 9.28 16.40
C SER B 36 -21.66 9.36 14.90
N ARG B 37 -22.72 10.00 14.42
CA ARG B 37 -22.93 10.25 13.00
C ARG B 37 -21.84 11.12 12.47
N GLN B 38 -21.11 11.81 13.36
CA GLN B 38 -19.96 12.53 12.77
C GLN B 38 -18.54 12.20 13.17
N PHE B 39 -18.39 11.40 14.23
CA PHE B 39 -17.08 11.19 14.83
C PHE B 39 -16.67 9.73 14.73
N VAL B 40 -15.45 9.47 14.23
CA VAL B 40 -14.81 8.18 14.23
C VAL B 40 -13.70 8.17 15.29
N LEU B 41 -13.65 7.20 16.14
CA LEU B 41 -12.45 7.10 17.05
C LEU B 41 -11.42 6.27 16.35
N THR B 42 -10.12 6.60 16.58
CA THR B 42 -8.99 5.75 16.17
C THR B 42 -7.76 6.09 16.99
N ALA B 43 -6.60 5.59 16.59
CA ALA B 43 -5.30 5.78 17.28
C ALA B 43 -4.57 7.00 16.70
N ALA B 44 -3.97 7.85 17.55
CA ALA B 44 -3.34 9.09 17.12
C ALA B 44 -2.20 8.82 16.17
N HIS B 45 -1.71 7.58 16.20
CA HIS B 45 -0.65 7.23 15.29
C HIS B 45 -1.05 6.95 13.88
N CYS B 46 -2.32 7.04 13.67
CA CYS B 46 -2.97 6.94 12.36
C CYS B 46 -3.18 8.28 11.68
N LYS B 47 -2.63 9.34 12.30
CA LYS B 47 -2.35 10.66 11.69
C LYS B 47 -1.92 10.50 10.22
N GLY B 48 -2.39 11.45 9.44
CA GLY B 48 -1.88 11.71 8.09
C GLY B 48 -2.02 13.14 7.58
N ARG B 49 -1.74 13.27 6.28
CA ARG B 49 -2.08 14.39 5.41
C ARG B 49 -3.53 14.43 5.03
N GLU B 50 -3.99 13.31 4.51
CA GLU B 50 -5.41 13.22 4.19
C GLU B 50 -5.88 11.86 4.65
N ILE B 51 -7.11 11.79 5.19
CA ILE B 51 -7.75 10.48 5.54
C ILE B 51 -9.12 10.34 4.93
N THR B 52 -9.28 9.21 4.26
CA THR B 52 -10.62 8.86 3.84
C THR B 52 -11.15 7.74 4.69
N VAL B 53 -12.37 7.93 5.15
CA VAL B 53 -13.04 6.90 5.94
C VAL B 53 -14.04 6.13 5.10
N ILE B 54 -13.87 4.81 5.08
CA ILE B 54 -14.84 3.89 4.49
C ILE B 54 -15.67 3.08 5.49
N LEU B 55 -16.93 3.32 5.55
CA LEU B 55 -17.84 2.70 6.50
C LEU B 55 -18.73 1.74 5.74
N GLY B 56 -19.33 0.77 6.40
CA GLY B 56 -20.24 -0.17 5.74
C GLY B 56 -19.52 -1.22 4.95
N ALA B 57 -18.26 -1.41 5.22
CA ALA B 57 -17.59 -2.42 4.40
C ALA B 57 -17.49 -3.79 5.04
N HIS B 58 -17.27 -4.76 4.18
CA HIS B 58 -16.62 -6.04 4.49
C HIS B 58 -15.32 -6.17 3.71
N ASP B 59 -15.47 -6.12 2.40
CA ASP B 59 -14.39 -6.28 1.43
C ASP B 59 -14.20 -4.98 0.71
N VAL B 60 -13.05 -4.38 1.04
CA VAL B 60 -12.87 -2.97 0.64
C VAL B 60 -12.40 -2.85 -0.79
N ARG B 61 -12.24 -3.96 -1.39
CA ARG B 61 -11.80 -4.10 -2.77
C ARG B 61 -13.05 -4.16 -3.64
N LYS B 62 -14.18 -4.18 -3.00
CA LYS B 62 -15.43 -4.38 -3.74
C LYS B 62 -16.41 -3.27 -3.44
N ARG B 63 -17.24 -3.01 -4.40
CA ARG B 63 -17.97 -1.74 -4.33
C ARG B 63 -19.36 -2.00 -3.78
N GLU B 64 -19.37 -2.42 -2.51
CA GLU B 64 -20.56 -2.91 -1.86
C GLU B 64 -21.58 -1.82 -1.63
N SER B 65 -22.83 -2.10 -1.88
CA SER B 65 -23.90 -1.08 -1.87
C SER B 65 -24.25 -0.54 -0.52
N THR B 66 -23.55 -1.05 0.50
CA THR B 66 -23.75 -0.51 1.85
C THR B 66 -22.78 0.60 2.20
N GLN B 67 -21.70 0.63 1.48
CA GLN B 67 -20.53 1.43 1.86
C GLN B 67 -20.83 2.89 1.79
N GLN B 68 -20.26 3.63 2.73
CA GLN B 68 -20.31 5.10 2.79
C GLN B 68 -18.89 5.66 2.94
N LYS B 69 -18.35 6.30 1.93
CA LYS B 69 -16.98 6.82 1.88
C LYS B 69 -16.86 8.32 2.16
N ILE B 70 -16.37 8.74 3.36
CA ILE B 70 -16.43 10.16 3.72
C ILE B 70 -15.03 10.60 3.99
N LYS B 71 -14.73 11.86 3.63
CA LYS B 71 -13.46 12.49 3.96
C LYS B 71 -13.47 13.01 5.38
N VAL B 72 -12.25 13.08 5.93
CA VAL B 72 -12.10 13.68 7.25
C VAL B 72 -11.94 15.20 7.24
N GLU B 73 -12.79 15.97 7.88
CA GLU B 73 -12.52 17.41 8.13
C GLU B 73 -11.35 17.57 9.05
N LYS B 74 -11.52 17.23 10.32
CA LYS B 74 -10.52 17.35 11.43
C LYS B 74 -9.90 16.04 11.90
N GLN B 75 -8.61 16.07 12.24
CA GLN B 75 -7.95 15.11 13.11
C GLN B 75 -7.67 15.75 14.43
N ILE B 76 -8.39 15.34 15.47
CA ILE B 76 -8.21 15.78 16.88
C ILE B 76 -7.41 14.86 17.77
N ILE B 77 -6.10 15.12 17.84
CA ILE B 77 -5.13 14.28 18.61
C ILE B 77 -5.12 14.64 20.07
N HIS B 78 -5.15 13.59 20.93
CA HIS B 78 -5.00 13.79 22.37
C HIS B 78 -3.87 14.75 22.69
N GLU B 79 -4.11 15.79 23.51
CA GLU B 79 -3.09 16.84 23.67
C GLU B 79 -1.88 16.37 24.45
N SER B 80 -1.91 15.19 24.97
CA SER B 80 -0.74 14.68 25.71
C SER B 80 -0.16 13.43 25.10
N TYR B 81 -0.58 13.15 23.86
CA TYR B 81 0.01 12.04 23.09
C TYR B 81 1.51 12.24 22.95
N ASN B 82 2.32 11.50 23.70
CA ASN B 82 3.77 11.71 23.55
C ASN B 82 4.08 10.79 22.41
N SER B 83 5.20 10.86 21.75
CA SER B 83 5.38 9.91 20.61
C SER B 83 6.67 9.13 20.77
N VAL B 84 6.78 8.54 21.96
CA VAL B 84 7.90 7.72 22.42
C VAL B 84 7.52 6.73 23.49
N PRO B 85 6.96 7.18 24.63
CA PRO B 85 6.25 6.29 25.56
C PRO B 85 5.02 5.65 24.95
N ASN B 86 4.55 6.23 23.82
CA ASN B 86 3.30 5.82 23.08
C ASN B 86 2.02 6.11 23.83
N LEU B 87 2.13 7.03 24.75
CA LEU B 87 1.08 7.25 25.69
C LEU B 87 0.10 8.27 25.20
N HIS B 88 -1.20 7.98 25.50
CA HIS B 88 -2.39 8.75 25.01
C HIS B 88 -2.67 8.60 23.52
N ASP B 89 -2.55 7.37 22.97
CA ASP B 89 -2.73 7.06 21.54
C ASP B 89 -4.19 6.98 21.11
N ILE B 90 -4.80 8.12 21.04
CA ILE B 90 -6.24 8.26 20.79
C ILE B 90 -6.45 9.56 20.04
N MET B 91 -7.29 9.48 19.06
CA MET B 91 -7.63 10.56 18.21
C MET B 91 -9.08 10.51 17.77
N LEU B 92 -9.72 11.62 17.77
CA LEU B 92 -11.04 11.72 17.12
C LEU B 92 -10.94 12.20 15.70
N LEU B 93 -11.71 11.59 14.85
CA LEU B 93 -11.92 12.14 13.52
C LEU B 93 -13.28 12.78 13.34
N LYS B 94 -13.29 14.09 13.04
CA LYS B 94 -14.54 14.71 12.51
C LYS B 94 -14.76 14.53 11.03
N LEU B 95 -15.91 14.03 10.70
CA LEU B 95 -16.17 13.76 9.29
C LEU B 95 -16.77 14.99 8.62
N GLU B 96 -16.54 15.09 7.31
CA GLU B 96 -16.97 16.21 6.47
C GLU B 96 -18.47 16.39 6.48
N LYS B 97 -19.18 15.26 6.52
CA LYS B 97 -20.65 15.13 6.68
C LYS B 97 -20.94 14.18 7.81
N LYS B 98 -22.19 14.23 8.26
CA LYS B 98 -22.83 13.07 8.95
C LYS B 98 -23.08 11.88 8.07
N VAL B 99 -22.93 10.71 8.65
CA VAL B 99 -23.26 9.41 8.03
C VAL B 99 -24.76 9.24 8.03
N GLU B 100 -25.20 8.43 7.07
CA GLU B 100 -26.53 7.88 7.19
C GLU B 100 -26.58 6.59 7.96
N LEU B 101 -27.15 6.68 9.16
CA LEU B 101 -27.24 5.51 10.01
C LEU B 101 -28.20 4.52 9.38
N THR B 102 -27.68 3.38 9.12
CA THR B 102 -28.29 2.26 8.40
C THR B 102 -27.90 0.96 9.12
N PRO B 103 -28.52 -0.19 8.87
CA PRO B 103 -28.12 -1.42 9.54
C PRO B 103 -26.67 -1.78 9.41
N ALA B 104 -26.08 -1.38 8.28
CA ALA B 104 -24.67 -1.70 7.98
C ALA B 104 -23.70 -0.66 8.43
N VAL B 105 -24.22 0.52 8.78
CA VAL B 105 -23.33 1.63 9.15
C VAL B 105 -23.95 2.28 10.34
N ASN B 106 -23.46 1.91 11.56
CA ASN B 106 -24.10 2.45 12.79
C ASN B 106 -23.09 2.59 13.91
N VAL B 107 -23.53 3.13 15.04
CA VAL B 107 -22.58 3.44 16.14
C VAL B 107 -22.34 2.31 17.12
N VAL B 108 -21.20 2.38 17.81
CA VAL B 108 -20.85 1.50 18.96
C VAL B 108 -20.94 2.27 20.26
N PRO B 109 -21.51 1.66 21.28
CA PRO B 109 -21.48 2.24 22.62
C PRO B 109 -20.07 2.35 23.17
N LEU B 110 -19.91 3.40 23.94
CA LEU B 110 -18.68 3.60 24.69
C LEU B 110 -18.98 3.34 26.17
N PRO B 111 -17.99 3.03 26.97
CA PRO B 111 -18.25 2.85 28.40
C PRO B 111 -18.69 4.13 29.09
N SER B 112 -18.94 3.95 30.36
CA SER B 112 -19.05 5.06 31.31
C SER B 112 -17.71 5.19 31.99
N PRO B 113 -17.33 6.40 32.33
CA PRO B 113 -15.99 6.69 32.81
C PRO B 113 -15.67 5.94 34.10
N SER B 114 -16.75 5.43 34.70
CA SER B 114 -16.72 4.52 35.86
C SER B 114 -16.53 3.06 35.53
N ASP B 115 -16.80 2.67 34.30
CA ASP B 115 -16.57 1.32 33.81
C ASP B 115 -15.08 1.05 33.60
N PHE B 116 -14.53 0.13 34.32
CA PHE B 116 -13.15 -0.33 34.10
C PHE B 116 -13.12 -1.78 33.65
N ILE B 117 -12.30 -2.17 32.69
CA ILE B 117 -12.34 -3.60 32.35
C ILE B 117 -11.31 -4.43 33.07
N HIS B 118 -11.74 -5.54 33.66
CA HIS B 118 -10.93 -6.36 34.55
C HIS B 118 -10.14 -7.30 33.69
N PRO B 119 -9.02 -7.71 34.25
CA PRO B 119 -8.28 -8.88 33.81
C PRO B 119 -9.12 -10.14 33.86
N GLY B 120 -8.97 -10.94 32.83
CA GLY B 120 -9.74 -12.17 32.76
C GLY B 120 -10.95 -12.12 31.87
N ALA B 121 -11.49 -10.92 31.58
CA ALA B 121 -12.49 -10.83 30.49
C ALA B 121 -11.98 -11.32 29.12
N MET B 122 -12.84 -11.80 28.27
CA MET B 122 -12.49 -12.11 26.90
C MET B 122 -13.22 -11.18 25.92
N CYS B 123 -12.43 -10.44 25.20
CA CYS B 123 -12.94 -9.42 24.33
C CYS B 123 -12.69 -9.74 22.88
N TRP B 124 -13.31 -8.99 21.97
CA TRP B 124 -13.08 -9.14 20.48
C TRP B 124 -12.44 -7.91 19.83
N ALA B 125 -11.41 -8.11 19.04
CA ALA B 125 -10.71 -7.04 18.26
C ALA B 125 -10.90 -7.31 16.80
N ALA B 126 -11.17 -6.26 15.98
CA ALA B 126 -11.35 -6.51 14.55
C ALA B 126 -10.58 -5.58 13.65
N GLY B 127 -10.23 -6.07 12.48
CA GLY B 127 -9.45 -5.23 11.58
C GLY B 127 -9.16 -5.83 10.21
N TRP B 128 -8.56 -5.00 9.34
CA TRP B 128 -8.14 -5.36 7.99
C TRP B 128 -6.63 -5.41 7.97
N GLY B 129 -6.03 -5.55 9.16
CA GLY B 129 -4.51 -5.65 9.22
C GLY B 129 -3.82 -6.94 8.85
N LYS B 130 -2.49 -6.96 9.03
CA LYS B 130 -1.75 -8.17 8.65
C LYS B 130 -2.19 -9.38 9.44
N THR B 131 -2.32 -10.50 8.72
CA THR B 131 -2.73 -11.81 9.24
C THR B 131 -1.53 -12.64 9.69
N GLY B 132 -0.33 -12.05 9.68
CA GLY B 132 0.97 -12.68 9.98
C GLY B 132 2.11 -11.67 10.10
N VAL B 133 3.20 -12.07 10.75
CA VAL B 133 4.31 -11.13 10.94
C VAL B 133 4.95 -10.77 9.63
N ARG B 134 4.76 -11.65 8.63
CA ARG B 134 5.26 -11.49 7.27
C ARG B 134 4.22 -11.78 6.23
N ASP B 135 2.97 -11.63 6.62
CA ASP B 135 1.85 -11.88 5.70
C ASP B 135 1.18 -10.54 5.54
N PRO B 136 0.56 -10.25 4.36
CA PRO B 136 0.04 -8.92 4.04
C PRO B 136 -1.30 -8.65 4.70
N THR B 137 -1.73 -7.43 4.59
CA THR B 137 -3.00 -6.97 5.12
C THR B 137 -4.19 -7.60 4.43
N SER B 138 -5.29 -7.56 5.11
CA SER B 138 -6.43 -8.26 4.58
C SER B 138 -7.36 -7.30 3.85
N TYR B 139 -7.88 -7.75 2.78
CA TYR B 139 -8.96 -7.04 2.10
C TYR B 139 -10.32 -7.27 2.73
N THR B 140 -10.50 -8.36 3.52
CA THR B 140 -11.79 -8.59 4.25
C THR B 140 -11.60 -8.56 5.76
N LEU B 141 -12.65 -8.12 6.44
CA LEU B 141 -12.64 -7.85 7.88
C LEU B 141 -12.47 -9.14 8.60
N ARG B 142 -11.50 -9.12 9.54
CA ARG B 142 -11.21 -10.25 10.42
C ARG B 142 -11.31 -9.89 11.88
N GLU B 143 -11.55 -10.92 12.66
CA GLU B 143 -11.88 -10.77 14.08
C GLU B 143 -11.14 -11.80 14.91
N VAL B 144 -10.94 -11.56 16.20
CA VAL B 144 -10.14 -12.40 17.14
C VAL B 144 -10.54 -12.14 18.56
N GLU B 145 -10.69 -13.23 19.28
CA GLU B 145 -11.04 -13.18 20.70
C GLU B 145 -9.85 -13.28 21.61
N LEU B 146 -9.74 -12.24 22.42
CA LEU B 146 -8.50 -11.93 23.18
C LEU B 146 -8.81 -11.78 24.65
N ARG B 147 -7.87 -12.10 25.48
CA ARG B 147 -8.14 -12.03 26.91
C ARG B 147 -7.47 -10.88 27.61
N ILE B 148 -8.22 -10.22 28.47
CA ILE B 148 -7.65 -9.06 29.24
C ILE B 148 -6.76 -9.58 30.37
N MET B 149 -5.56 -9.09 30.35
CA MET B 149 -4.51 -9.49 31.26
C MET B 149 -4.43 -8.59 32.46
N ASP B 150 -3.74 -9.09 33.48
CA ASP B 150 -3.21 -8.29 34.59
C ASP B 150 -2.17 -7.29 34.14
N GLU B 151 -2.03 -6.23 34.91
CA GLU B 151 -0.89 -5.34 34.80
C GLU B 151 0.42 -6.12 34.84
N LYS B 152 0.54 -7.14 35.71
CA LYS B 152 1.83 -7.91 35.76
C LYS B 152 2.21 -8.53 34.41
N ALA B 153 1.25 -8.63 33.53
CA ALA B 153 1.58 -9.31 32.28
C ALA B 153 2.32 -8.42 31.33
N CYS B 154 2.33 -7.13 31.59
CA CYS B 154 3.01 -6.19 30.65
C CYS B 154 4.03 -5.34 31.35
N VAL B 155 4.11 -5.38 32.69
CA VAL B 155 4.99 -4.39 33.34
C VAL B 155 6.37 -4.92 33.62
N ASP B 156 6.45 -5.76 34.64
CA ASP B 156 7.70 -6.41 35.02
C ASP B 156 8.08 -7.44 33.99
N TYR B 157 7.08 -7.78 33.19
CA TYR B 157 7.26 -8.57 31.97
C TYR B 157 7.16 -7.71 30.74
N ARG B 158 7.74 -6.51 30.81
CA ARG B 158 7.91 -5.67 29.61
C ARG B 158 8.00 -4.17 29.79
N TYR B 159 6.82 -3.56 29.84
CA TYR B 159 6.58 -2.13 29.56
C TYR B 159 5.47 -1.44 30.33
N TYR B 160 4.43 -0.87 29.62
CA TYR B 160 3.10 -0.32 30.10
C TYR B 160 3.13 1.11 30.66
N GLU B 161 1.99 1.34 31.45
CA GLU B 161 1.04 2.35 32.09
C GLU B 161 -0.48 2.04 32.36
N TYR B 162 -0.87 1.38 33.45
CA TYR B 162 -2.20 0.76 33.70
C TYR B 162 -3.48 1.59 33.69
N LYS B 163 -3.53 2.87 34.20
CA LYS B 163 -4.77 3.70 34.18
C LYS B 163 -5.21 3.94 32.76
N PHE B 164 -4.22 4.06 31.89
CA PHE B 164 -4.48 4.59 30.56
C PHE B 164 -4.60 3.48 29.51
N GLN B 165 -4.03 2.33 29.87
CA GLN B 165 -3.67 1.26 28.90
C GLN B 165 -4.10 -0.12 29.33
N VAL B 166 -4.56 -0.87 28.36
CA VAL B 166 -4.99 -2.18 28.66
C VAL B 166 -3.89 -3.12 28.20
N CYS B 167 -3.66 -4.15 28.97
CA CYS B 167 -2.78 -5.27 28.61
C CYS B 167 -3.57 -6.49 28.11
N VAL B 168 -3.44 -6.81 26.79
CA VAL B 168 -4.39 -7.71 26.15
C VAL B 168 -3.71 -8.89 25.48
N GLY B 169 -4.20 -10.11 25.71
CA GLY B 169 -3.58 -11.27 25.02
C GLY B 169 -2.63 -12.14 25.84
N SER B 170 -3.00 -13.40 25.90
CA SER B 170 -2.27 -14.43 26.65
C SER B 170 -1.21 -15.09 25.78
N PRO B 171 0.04 -15.07 26.26
CA PRO B 171 1.17 -15.67 25.58
C PRO B 171 1.02 -17.18 25.40
N THR B 172 -0.18 -17.71 25.63
CA THR B 172 -0.43 -19.18 25.44
C THR B 172 -1.00 -19.45 23.98
N THR B 173 -1.19 -18.36 23.22
CA THR B 173 -1.70 -18.37 21.79
C THR B 173 -1.21 -17.18 21.02
N LEU B 174 -0.87 -17.39 19.75
CA LEU B 174 -0.48 -16.34 18.79
C LEU B 174 -1.71 -15.61 18.27
N ARG B 175 -2.56 -15.25 19.16
CA ARG B 175 -3.63 -14.38 18.77
C ARG B 175 -3.36 -12.93 19.05
N ALA B 176 -3.48 -12.10 17.99
CA ALA B 176 -3.04 -10.72 18.12
C ALA B 176 -3.76 -9.82 17.13
N ALA B 177 -3.81 -8.54 17.46
CA ALA B 177 -3.82 -7.45 16.47
C ALA B 177 -2.42 -7.10 16.02
N PHE B 178 -2.32 -6.71 14.78
CA PHE B 178 -1.04 -6.32 14.20
C PHE B 178 -1.15 -5.08 13.32
N MET B 179 -0.18 -4.92 12.46
CA MET B 179 -0.03 -3.78 11.55
C MET B 179 -1.18 -3.56 10.59
N GLY B 180 -1.75 -2.35 10.64
CA GLY B 180 -2.98 -2.10 9.84
C GLY B 180 -4.26 -2.24 10.65
N ASP B 181 -4.18 -2.87 11.85
CA ASP B 181 -5.25 -3.03 12.82
C ASP B 181 -5.41 -1.87 13.77
N SER B 182 -4.33 -1.15 13.85
CA SER B 182 -4.20 0.02 14.71
C SER B 182 -5.41 0.90 14.62
N GLY B 183 -5.87 1.35 15.81
CA GLY B 183 -7.00 2.24 15.94
C GLY B 183 -8.31 1.51 15.78
N GLY B 184 -8.24 0.22 15.56
CA GLY B 184 -9.42 -0.61 15.76
C GLY B 184 -9.89 -0.81 17.22
N PRO B 185 -11.15 -1.17 17.36
CA PRO B 185 -11.78 -1.31 18.66
C PRO B 185 -11.37 -2.61 19.32
N LEU B 186 -11.52 -2.62 20.63
CA LEU B 186 -11.58 -3.85 21.45
C LEU B 186 -12.91 -3.89 22.09
N LEU B 187 -13.72 -4.89 21.77
CA LEU B 187 -15.10 -4.96 22.31
C LEU B 187 -15.25 -5.95 23.40
N CYS B 188 -15.81 -5.48 24.49
CA CYS B 188 -16.00 -6.36 25.62
C CYS B 188 -17.45 -6.31 26.04
N ALA B 189 -18.20 -7.45 25.86
CA ALA B 189 -19.68 -7.56 25.97
C ALA B 189 -20.34 -6.43 25.19
N GLY B 190 -19.82 -6.26 23.95
CA GLY B 190 -20.27 -5.33 22.86
C GLY B 190 -19.96 -3.87 23.01
N VAL B 191 -19.20 -3.53 24.01
CA VAL B 191 -18.77 -2.14 24.28
C VAL B 191 -17.30 -1.89 23.96
N ALA B 192 -17.05 -0.74 23.28
CA ALA B 192 -15.71 -0.33 22.86
C ALA B 192 -14.86 0.08 24.05
N HIS B 193 -14.15 -0.91 24.67
CA HIS B 193 -13.26 -0.71 25.86
C HIS B 193 -11.80 -0.45 25.53
N GLY B 194 -11.42 -0.82 24.35
CA GLY B 194 -10.01 -0.65 23.95
C GLY B 194 -9.87 -0.07 22.54
N ILE B 195 -8.68 0.48 22.21
CA ILE B 195 -8.24 0.84 20.82
C ILE B 195 -6.90 0.17 20.51
N VAL B 196 -6.75 -0.57 19.39
CA VAL B 196 -5.42 -1.16 19.10
C VAL B 196 -4.33 -0.11 19.02
N SER B 197 -3.37 -0.24 19.87
CA SER B 197 -2.28 0.75 19.89
C SER B 197 -0.94 0.17 19.47
N TYR B 198 -0.28 -0.57 20.35
CA TYR B 198 0.97 -1.17 19.88
C TYR B 198 1.32 -2.48 20.56
N GLY B 199 2.44 -3.08 20.14
CA GLY B 199 2.99 -4.28 20.75
C GLY B 199 4.41 -4.56 20.38
N HIS B 200 4.73 -5.83 20.43
CA HIS B 200 5.99 -6.43 19.98
C HIS B 200 6.04 -6.63 18.47
N PRO B 201 7.16 -6.22 17.86
CA PRO B 201 7.51 -6.47 16.45
C PRO B 201 7.23 -7.87 15.99
N ASP B 202 7.26 -8.80 16.91
CA ASP B 202 6.97 -10.15 16.52
C ASP B 202 5.55 -10.60 16.72
N ALA B 203 4.69 -9.66 17.07
CA ALA B 203 3.27 -9.89 17.38
C ALA B 203 3.03 -10.82 18.56
N LYS B 204 4.06 -11.09 19.34
CA LYS B 204 3.85 -11.98 20.52
C LYS B 204 3.12 -11.32 21.66
N PRO B 205 2.03 -11.92 22.10
CA PRO B 205 1.23 -11.40 23.24
C PRO B 205 2.04 -11.26 24.48
N PRO B 206 1.66 -10.34 25.37
CA PRO B 206 0.56 -9.37 25.28
C PRO B 206 0.82 -8.15 24.43
N ALA B 207 -0.23 -7.41 24.03
CA ALA B 207 -0.09 -6.11 23.36
C ALA B 207 -0.74 -5.02 24.18
N ILE B 208 -0.46 -3.76 23.83
CA ILE B 208 -1.04 -2.59 24.49
C ILE B 208 -2.25 -2.01 23.72
N PHE B 209 -3.32 -1.73 24.45
CA PHE B 209 -4.54 -1.09 23.88
C PHE B 209 -4.86 0.16 24.63
N THR B 210 -5.23 1.22 23.98
CA THR B 210 -5.64 2.33 24.83
C THR B 210 -6.91 2.02 25.58
N ARG B 211 -7.03 2.54 26.81
CA ARG B 211 -8.17 2.24 27.64
C ARG B 211 -9.28 3.21 27.52
N VAL B 212 -10.22 2.87 26.64
CA VAL B 212 -11.30 3.88 26.36
C VAL B 212 -11.96 4.59 27.54
N SER B 213 -12.25 3.81 28.58
CA SER B 213 -12.86 4.29 29.84
C SER B 213 -12.34 5.64 30.36
N THR B 214 -11.02 5.71 30.49
CA THR B 214 -10.22 6.87 30.93
C THR B 214 -10.46 8.18 30.17
N TYR B 215 -10.65 8.00 28.88
CA TYR B 215 -10.70 9.15 27.97
C TYR B 215 -12.12 9.54 27.66
N VAL B 216 -13.11 8.84 28.24
CA VAL B 216 -14.50 9.27 27.93
C VAL B 216 -14.80 10.73 28.17
N PRO B 217 -14.35 11.30 29.29
CA PRO B 217 -14.45 12.73 29.53
C PRO B 217 -13.76 13.62 28.53
N TRP B 218 -12.58 13.25 28.03
CA TRP B 218 -11.97 13.94 26.89
C TRP B 218 -12.81 13.86 25.63
N ILE B 219 -13.32 12.65 25.37
CA ILE B 219 -14.13 12.34 24.19
C ILE B 219 -15.40 13.17 24.14
N ASN B 220 -16.16 13.21 25.28
CA ASN B 220 -17.36 14.06 25.39
C ASN B 220 -17.07 15.54 25.29
N ALA B 221 -16.01 16.02 25.94
CA ALA B 221 -15.62 17.42 25.85
C ALA B 221 -15.31 17.82 24.41
N VAL B 222 -14.65 17.04 23.66
CA VAL B 222 -14.32 17.48 22.32
C VAL B 222 -15.54 17.37 21.43
N ILE B 223 -16.37 16.38 21.65
CA ILE B 223 -17.42 16.04 20.66
C ILE B 223 -18.56 16.99 20.86
N ASN B 224 -18.75 17.34 22.12
CA ASN B 224 -19.77 18.31 22.49
C ASN B 224 -19.17 19.72 22.54
#